data_6B12
#
_entry.id   6B12
#
_cell.length_a   176.690
_cell.length_b   40.560
_cell.length_c   95.910
_cell.angle_alpha   90.00
_cell.angle_beta   97.24
_cell.angle_gamma   90.00
#
_symmetry.space_group_name_H-M   'C 1 2 1'
#
loop_
_entity.id
_entity.type
_entity.pdbx_description
1 polymer Tne2
2 polymer Tni2
3 water water
#
loop_
_entity_poly.entity_id
_entity_poly.type
_entity_poly.pdbx_seq_one_letter_code
_entity_poly.pdbx_strand_id
1 'polypeptide(L)'
;(MSE)GSSHHHHHHSQDPNSAWLEGTQVKTEIVPPGRQYQ(MSE)VVAKGQAEAI(MSE)QGKPAFGGFAAPEPIPSQAY
ARDKLVILDRFKTDVSHVITVETTAPQKIHSGITGPLENYKGGVQQVEFVGDRNLKIVGTPGVLPVE
;
A,D
2 'polypeptide(L)'
;(MSE)ISDFERIREDGKVIDEN(MSE)TVDQ(MSE)IALGWSPCRVVEARWRWQEQLLSVVNSRGLLAIVVPDRQHLAIL
WNDDDTGVAATLYVVSGDRQQQIRIADQLLINGQLEAGIYSWFEQFPQVSPSIFTC(MSE)FSRQRDQA(MSE)FRVDID
ASTGDIVSIQHSR
;
B,C
#
# COMPACT_ATOMS: atom_id res chain seq x y z
N ALA A 17 -34.87 -6.80 -2.23
CA ALA A 17 -34.75 -5.46 -2.77
C ALA A 17 -36.11 -4.81 -2.98
N TRP A 18 -37.16 -5.63 -3.04
CA TRP A 18 -38.49 -5.16 -3.37
C TRP A 18 -39.35 -5.07 -2.13
N LEU A 19 -40.35 -4.19 -2.18
CA LEU A 19 -41.25 -3.99 -1.05
C LEU A 19 -42.18 -5.21 -0.91
N GLU A 20 -42.19 -5.78 0.29
CA GLU A 20 -43.02 -6.97 0.55
C GLU A 20 -44.48 -6.65 0.31
N GLY A 21 -45.20 -7.63 -0.23
CA GLY A 21 -46.62 -7.44 -0.49
C GLY A 21 -46.95 -6.44 -1.57
N THR A 22 -45.98 -6.09 -2.42
CA THR A 22 -46.23 -5.28 -3.60
C THR A 22 -45.91 -6.11 -4.84
N GLN A 23 -46.55 -5.73 -5.95
CA GLN A 23 -46.36 -6.43 -7.21
C GLN A 23 -45.07 -5.95 -7.87
N VAL A 24 -44.22 -6.89 -8.26
CA VAL A 24 -43.08 -6.62 -9.12
C VAL A 24 -43.48 -7.07 -10.52
N LYS A 25 -43.62 -6.12 -11.44
CA LYS A 25 -43.99 -6.45 -12.81
C LYS A 25 -42.76 -6.85 -13.61
N THR A 26 -42.98 -7.67 -14.64
CA THR A 26 -41.99 -7.90 -15.67
C THR A 26 -42.51 -7.22 -16.94
N GLU A 27 -41.75 -6.26 -17.45
CA GLU A 27 -42.13 -5.50 -18.62
C GLU A 27 -41.08 -5.58 -19.71
N ILE A 28 -41.52 -5.28 -20.93
CA ILE A 28 -40.62 -5.00 -22.04
C ILE A 28 -40.86 -3.55 -22.43
N VAL A 29 -39.81 -2.74 -22.39
CA VAL A 29 -39.98 -1.33 -22.71
C VAL A 29 -39.35 -1.07 -24.07
N PRO A 30 -39.87 -0.11 -24.85
CA PRO A 30 -39.37 0.12 -26.20
C PRO A 30 -38.00 0.79 -26.17
N PRO A 31 -37.31 0.86 -27.30
CA PRO A 31 -36.12 1.70 -27.39
C PRO A 31 -36.48 3.17 -27.15
N GLY A 32 -35.50 3.92 -26.66
CA GLY A 32 -35.68 5.34 -26.39
C GLY A 32 -36.15 5.69 -25.00
N ARG A 33 -36.45 4.69 -24.17
CA ARG A 33 -36.84 4.95 -22.79
C ARG A 33 -35.59 5.25 -21.97
N GLN A 34 -35.63 6.30 -21.16
CA GLN A 34 -34.47 6.73 -20.38
C GLN A 34 -34.69 6.47 -18.89
N TYR A 35 -33.60 6.10 -18.22
CA TYR A 35 -33.59 5.92 -16.78
C TYR A 35 -32.39 6.63 -16.18
N GLN A 36 -32.48 6.92 -14.91
CA GLN A 36 -31.36 7.45 -14.12
C GLN A 36 -30.69 6.30 -13.40
N VAL A 38 -27.41 5.39 -10.71
CA VAL A 38 -26.27 5.74 -9.86
C VAL A 38 -25.09 4.86 -10.23
N VAL A 39 -23.89 5.46 -10.29
CA VAL A 39 -22.70 4.73 -10.67
C VAL A 39 -21.62 4.98 -9.63
N ALA A 40 -20.86 3.93 -9.32
CA ALA A 40 -19.80 4.01 -8.34
C ALA A 40 -18.57 4.67 -8.97
N LYS A 41 -17.53 4.85 -8.16
CA LYS A 41 -16.36 5.59 -8.61
C LYS A 41 -15.70 4.93 -9.82
N GLY A 42 -15.32 3.66 -9.67
CA GLY A 42 -14.64 3.00 -10.79
C GLY A 42 -15.57 2.78 -11.95
N GLN A 43 -16.85 2.57 -11.66
CA GLN A 43 -17.85 2.47 -12.69
C GLN A 43 -17.91 3.74 -13.54
N ALA A 44 -17.93 4.91 -12.87
CA ALA A 44 -17.99 6.16 -13.62
C ALA A 44 -16.70 6.38 -14.41
N GLU A 45 -15.56 5.99 -13.82
CA GLU A 45 -14.30 6.05 -14.56
C GLU A 45 -14.35 5.20 -15.82
N ALA A 46 -14.92 3.99 -15.73
CA ALA A 46 -15.00 3.15 -16.93
C ALA A 46 -15.91 3.79 -17.97
N ILE A 47 -17.02 4.36 -17.52
CA ILE A 47 -17.94 5.02 -18.43
C ILE A 47 -17.23 6.16 -19.16
N GLN A 49 -14.28 6.30 -19.86
CA GLN A 49 -13.32 5.65 -20.75
C GLN A 49 -13.99 4.76 -21.79
N GLY A 50 -15.24 5.06 -22.13
CA GLY A 50 -15.90 4.41 -23.24
C GLY A 50 -16.39 3.01 -23.00
N LYS A 51 -16.50 2.58 -21.71
CA LYS A 51 -17.01 1.23 -21.47
C LYS A 51 -18.48 1.27 -21.09
N PRO A 52 -19.26 0.25 -21.50
CA PRO A 52 -20.68 0.17 -21.12
C PRO A 52 -20.84 -0.43 -19.73
N ALA A 53 -20.38 0.32 -18.74
CA ALA A 53 -20.25 -0.20 -17.37
C ALA A 53 -21.55 0.05 -16.63
N PHE A 54 -22.60 -0.65 -17.09
CA PHE A 54 -23.94 -0.49 -16.56
C PHE A 54 -24.26 -1.52 -15.48
N GLY A 55 -24.85 -1.04 -14.38
CA GLY A 55 -25.35 -1.93 -13.36
C GLY A 55 -26.72 -2.47 -13.74
N GLY A 56 -27.30 -3.26 -12.83
CA GLY A 56 -28.59 -3.87 -13.11
C GLY A 56 -29.80 -3.07 -12.70
N PHE A 57 -29.62 -1.95 -11.98
CA PHE A 57 -30.75 -1.22 -11.45
C PHE A 57 -30.68 0.25 -11.85
N ALA A 58 -31.86 0.83 -12.07
CA ALA A 58 -31.98 2.23 -12.41
C ALA A 58 -33.29 2.75 -11.82
N ALA A 59 -33.66 3.98 -12.18
CA ALA A 59 -34.82 4.64 -11.62
C ALA A 59 -35.51 5.44 -12.72
N PRO A 60 -36.85 5.37 -12.81
CA PRO A 60 -37.55 6.14 -13.84
C PRO A 60 -37.69 7.61 -13.51
N GLU A 61 -37.46 8.01 -12.27
CA GLU A 61 -37.60 9.37 -11.82
C GLU A 61 -36.25 9.96 -11.47
N PRO A 62 -36.13 11.29 -11.42
CA PRO A 62 -34.85 11.91 -11.06
C PRO A 62 -34.32 11.40 -9.72
N ILE A 63 -33.00 11.37 -9.62
CA ILE A 63 -32.31 10.97 -8.39
C ILE A 63 -31.65 12.22 -7.81
N PRO A 64 -32.24 12.84 -6.80
CA PRO A 64 -31.79 14.19 -6.41
C PRO A 64 -30.50 14.25 -5.60
N SER A 65 -30.16 13.20 -4.86
CA SER A 65 -29.03 13.34 -3.93
C SER A 65 -28.45 11.97 -3.62
N GLN A 66 -27.26 11.97 -3.03
CA GLN A 66 -26.69 10.72 -2.54
C GLN A 66 -27.50 10.16 -1.39
N ALA A 67 -28.06 11.04 -0.54
CA ALA A 67 -28.90 10.59 0.57
C ALA A 67 -30.14 9.88 0.06
N TYR A 68 -30.68 10.36 -1.06
CA TYR A 68 -31.82 9.71 -1.70
C TYR A 68 -31.41 8.37 -2.31
N ALA A 69 -30.25 8.33 -2.98
CA ALA A 69 -29.74 7.08 -3.53
C ALA A 69 -29.59 6.03 -2.44
N ARG A 70 -29.16 6.45 -1.25
CA ARG A 70 -28.99 5.51 -0.15
C ARG A 70 -30.33 5.14 0.47
N ASP A 71 -31.10 6.13 0.92
CA ASP A 71 -32.28 5.80 1.71
C ASP A 71 -33.46 5.37 0.84
N LYS A 72 -33.66 5.99 -0.31
CA LYS A 72 -34.85 5.72 -1.11
C LYS A 72 -34.60 4.64 -2.16
N LEU A 73 -33.46 4.67 -2.84
CA LEU A 73 -33.13 3.61 -3.79
C LEU A 73 -32.44 2.43 -3.14
N VAL A 74 -32.05 2.54 -1.87
CA VAL A 74 -31.45 1.44 -1.10
C VAL A 74 -30.24 0.88 -1.83
N ILE A 75 -29.34 1.77 -2.25
CA ILE A 75 -28.06 1.39 -2.83
C ILE A 75 -27.06 1.29 -1.68
N LEU A 76 -26.67 0.07 -1.34
CA LEU A 76 -25.92 -0.18 -0.11
C LEU A 76 -24.46 0.22 -0.24
N ASP A 77 -23.90 0.74 0.85
CA ASP A 77 -22.49 1.11 0.90
C ASP A 77 -21.59 -0.09 0.60
N ARG A 78 -22.01 -1.29 1.00
CA ARG A 78 -21.18 -2.47 0.80
C ARG A 78 -20.97 -2.77 -0.67
N PHE A 79 -21.89 -2.33 -1.52
CA PHE A 79 -21.84 -2.59 -2.96
C PHE A 79 -21.32 -1.40 -3.76
N LYS A 80 -21.69 -0.17 -3.38
CA LYS A 80 -21.19 1.03 -4.04
C LYS A 80 -20.68 1.96 -2.93
N THR A 81 -19.36 1.97 -2.75
CA THR A 81 -18.75 2.82 -1.73
C THR A 81 -19.06 4.27 -1.99
N ASP A 82 -19.05 4.66 -3.26
CA ASP A 82 -19.15 6.03 -3.72
C ASP A 82 -20.40 6.09 -4.61
N VAL A 83 -21.34 6.98 -4.26
CA VAL A 83 -22.52 7.15 -5.11
C VAL A 83 -22.58 8.61 -5.55
N SER A 84 -21.43 9.19 -5.88
CA SER A 84 -21.41 10.63 -6.14
C SER A 84 -21.72 10.98 -7.59
N HIS A 85 -22.01 10.01 -8.45
CA HIS A 85 -22.35 10.32 -9.83
C HIS A 85 -23.61 9.57 -10.25
N VAL A 86 -24.30 10.15 -11.21
CA VAL A 86 -25.51 9.57 -11.80
C VAL A 86 -25.39 9.70 -13.31
N ILE A 87 -25.88 8.70 -14.04
CA ILE A 87 -25.91 8.82 -15.48
C ILE A 87 -27.34 8.63 -15.95
N THR A 88 -27.60 9.13 -17.15
CA THR A 88 -28.81 8.81 -17.89
C THR A 88 -28.48 7.68 -18.85
N VAL A 89 -29.28 6.61 -18.80
CA VAL A 89 -29.16 5.53 -19.77
C VAL A 89 -30.41 5.55 -20.63
N GLU A 90 -30.28 5.03 -21.83
CA GLU A 90 -31.40 4.98 -22.78
C GLU A 90 -31.39 3.60 -23.42
N THR A 91 -32.58 3.02 -23.57
CA THR A 91 -32.66 1.71 -24.20
C THR A 91 -32.44 1.84 -25.70
N THR A 92 -31.66 0.90 -26.25
CA THR A 92 -31.28 0.89 -27.66
C THR A 92 -32.04 -0.15 -28.44
N ALA A 93 -32.78 -1.01 -27.76
CA ALA A 93 -33.64 -2.03 -28.34
C ALA A 93 -34.68 -2.37 -27.29
N PRO A 94 -35.70 -3.18 -27.63
CA PRO A 94 -36.64 -3.60 -26.59
C PRO A 94 -35.90 -4.24 -25.42
N GLN A 95 -36.32 -3.87 -24.22
CA GLN A 95 -35.57 -4.17 -23.00
C GLN A 95 -36.50 -4.75 -21.96
N LYS A 96 -36.21 -5.96 -21.51
CA LYS A 96 -36.93 -6.55 -20.41
C LYS A 96 -36.49 -5.92 -19.09
N ILE A 97 -37.47 -5.61 -18.23
CA ILE A 97 -37.19 -5.04 -16.92
C ILE A 97 -38.11 -5.71 -15.90
N HIS A 98 -37.70 -5.61 -14.63
CA HIS A 98 -38.62 -5.70 -13.50
C HIS A 98 -38.91 -4.30 -12.99
N SER A 99 -40.17 -4.03 -12.66
CA SER A 99 -40.56 -2.72 -12.16
C SER A 99 -41.33 -2.88 -10.86
N GLY A 100 -41.05 -2.00 -9.90
CA GLY A 100 -41.73 -2.06 -8.61
C GLY A 100 -41.13 -1.06 -7.64
N ILE A 101 -41.47 -1.24 -6.35
CA ILE A 101 -41.08 -0.31 -5.29
C ILE A 101 -39.93 -0.91 -4.49
N THR A 102 -38.94 -0.06 -4.15
CA THR A 102 -37.82 -0.53 -3.34
C THR A 102 -38.29 -0.88 -1.94
N GLY A 103 -37.74 -1.96 -1.38
CA GLY A 103 -38.03 -2.34 -0.03
C GLY A 103 -36.92 -1.92 0.93
N PRO A 104 -37.24 -1.88 2.22
CA PRO A 104 -36.23 -1.47 3.21
C PRO A 104 -35.16 -2.54 3.37
N LEU A 105 -33.93 -2.09 3.56
CA LEU A 105 -32.80 -2.96 3.88
C LEU A 105 -31.85 -2.18 4.77
N GLU A 106 -31.24 -2.87 5.73
CA GLU A 106 -30.41 -2.26 6.77
C GLU A 106 -31.26 -1.18 7.43
N ASN A 107 -30.78 0.05 7.58
CA ASN A 107 -31.58 1.13 8.17
C ASN A 107 -32.05 2.12 7.11
N TYR A 108 -32.31 1.63 5.90
CA TYR A 108 -32.83 2.43 4.81
C TYR A 108 -34.30 2.08 4.57
N LYS A 109 -35.10 3.09 4.22
CA LYS A 109 -36.55 2.93 4.14
C LYS A 109 -37.02 2.44 2.78
N GLY A 110 -36.36 2.84 1.70
CA GLY A 110 -36.88 2.55 0.38
C GLY A 110 -38.14 3.35 0.09
N GLY A 111 -38.98 2.82 -0.78
CA GLY A 111 -40.29 3.39 -1.03
C GLY A 111 -40.46 4.14 -2.34
N VAL A 112 -39.54 4.00 -3.30
CA VAL A 112 -39.67 4.68 -4.58
C VAL A 112 -39.53 3.66 -5.70
N GLN A 113 -39.94 4.08 -6.90
CA GLN A 113 -39.90 3.19 -8.06
C GLN A 113 -38.46 2.93 -8.48
N GLN A 114 -38.20 1.68 -8.85
CA GLN A 114 -36.93 1.31 -9.44
C GLN A 114 -37.22 0.31 -10.56
N VAL A 115 -36.26 0.17 -11.47
CA VAL A 115 -36.32 -0.88 -12.47
C VAL A 115 -35.05 -1.70 -12.38
N GLU A 116 -35.20 -2.99 -12.66
CA GLU A 116 -34.07 -3.89 -12.80
C GLU A 116 -34.04 -4.39 -14.23
N PHE A 117 -32.88 -4.30 -14.87
CA PHE A 117 -32.74 -4.80 -16.22
C PHE A 117 -32.59 -6.32 -16.21
N VAL A 118 -33.34 -7.00 -17.06
CA VAL A 118 -33.38 -8.45 -17.11
C VAL A 118 -32.72 -8.90 -18.40
N GLY A 119 -31.85 -9.90 -18.31
CA GLY A 119 -31.20 -10.41 -19.50
C GLY A 119 -30.28 -9.38 -20.12
N ASP A 120 -30.27 -9.35 -21.46
CA ASP A 120 -29.39 -8.44 -22.20
C ASP A 120 -29.59 -7.00 -21.74
N ARG A 121 -28.49 -6.26 -21.63
CA ARG A 121 -28.53 -4.86 -21.23
C ARG A 121 -28.36 -3.98 -22.46
N ASN A 122 -29.47 -3.76 -23.15
CA ASN A 122 -29.51 -2.93 -24.37
C ASN A 122 -29.63 -1.46 -23.96
N LEU A 123 -28.52 -0.93 -23.46
CA LEU A 123 -28.47 0.43 -22.97
C LEU A 123 -27.32 1.18 -23.62
N LYS A 124 -27.44 2.50 -23.61
CA LYS A 124 -26.34 3.39 -23.94
C LYS A 124 -26.40 4.57 -22.99
N ILE A 125 -25.25 5.19 -22.73
CA ILE A 125 -25.27 6.40 -21.94
C ILE A 125 -25.75 7.56 -22.79
N VAL A 126 -26.44 8.51 -22.15
CA VAL A 126 -26.83 9.77 -22.75
C VAL A 126 -26.06 10.86 -22.03
N GLY A 127 -25.15 11.54 -22.75
CA GLY A 127 -24.38 12.59 -22.13
C GLY A 127 -23.24 12.07 -21.29
N THR A 128 -22.83 12.88 -20.32
CA THR A 128 -21.77 12.49 -19.42
C THR A 128 -22.33 12.29 -18.02
N PRO A 129 -21.61 11.59 -17.15
CA PRO A 129 -22.07 11.49 -15.76
C PRO A 129 -22.33 12.86 -15.16
N GLY A 130 -23.31 12.91 -14.28
CA GLY A 130 -23.60 14.10 -13.52
C GLY A 130 -23.20 13.91 -12.07
N VAL A 131 -23.02 14.99 -11.33
CA VAL A 131 -22.64 14.90 -9.94
C VAL A 131 -23.89 14.84 -9.08
N LEU A 132 -23.91 13.90 -8.13
CA LEU A 132 -24.99 13.86 -7.15
C LEU A 132 -24.56 14.67 -5.92
N PRO A 133 -25.33 15.68 -5.52
CA PRO A 133 -25.04 16.34 -4.25
C PRO A 133 -25.19 15.36 -3.10
N VAL A 134 -24.38 15.55 -2.06
CA VAL A 134 -24.47 14.66 -0.91
C VAL A 134 -25.87 14.70 -0.31
N GLU A 135 -26.45 15.89 -0.20
CA GLU A 135 -27.80 16.06 0.33
C GLU A 135 -28.59 17.08 -0.51
N ILE B 2 2.26 -12.49 0.68
CA ILE B 2 2.90 -13.02 1.86
C ILE B 2 1.93 -12.97 3.03
N SER B 3 1.76 -14.10 3.71
CA SER B 3 0.85 -14.19 4.85
C SER B 3 1.55 -14.89 6.00
N ASP B 4 0.95 -14.78 7.20
CA ASP B 4 1.40 -15.52 8.39
C ASP B 4 2.91 -15.41 8.59
N PHE B 5 3.40 -14.18 8.56
CA PHE B 5 4.83 -13.93 8.64
C PHE B 5 5.25 -13.98 10.11
N GLU B 6 6.12 -14.94 10.45
CA GLU B 6 6.52 -15.14 11.84
C GLU B 6 8.03 -15.15 11.96
N ARG B 7 8.55 -14.54 13.02
CA ARG B 7 9.97 -14.51 13.31
C ARG B 7 10.22 -15.32 14.58
N ILE B 8 11.10 -16.30 14.49
CA ILE B 8 11.31 -17.23 15.60
C ILE B 8 12.62 -16.87 16.26
N ARG B 9 12.55 -16.47 17.53
CA ARG B 9 13.73 -16.14 18.31
C ARG B 9 14.55 -17.40 18.63
N GLU B 10 15.83 -17.18 18.96
CA GLU B 10 16.68 -18.31 19.29
C GLU B 10 16.12 -19.10 20.47
N ASP B 11 15.37 -18.44 21.36
CA ASP B 11 14.81 -19.12 22.51
C ASP B 11 13.46 -19.76 22.20
N GLY B 12 13.01 -19.70 20.94
CA GLY B 12 11.78 -20.34 20.56
C GLY B 12 10.56 -19.45 20.60
N LYS B 13 10.64 -18.28 21.23
CA LYS B 13 9.50 -17.38 21.26
C LYS B 13 9.26 -16.81 19.87
N VAL B 14 7.99 -16.66 19.49
CA VAL B 14 7.61 -16.30 18.13
C VAL B 14 7.08 -14.87 18.12
N ILE B 15 7.63 -14.06 17.23
CA ILE B 15 7.19 -12.69 17.06
C ILE B 15 6.21 -12.66 15.89
N ASP B 16 4.98 -12.29 16.17
CA ASP B 16 3.93 -12.16 15.16
C ASP B 16 4.10 -10.84 14.42
N GLU B 17 3.59 -10.79 13.19
CA GLU B 17 3.80 -9.56 12.41
C GLU B 17 3.13 -8.39 13.13
N ASN B 18 3.83 -7.25 13.17
CA ASN B 18 3.36 -6.06 13.89
C ASN B 18 3.10 -6.31 15.39
N THR B 20 4.31 -5.48 18.83
CA THR B 20 5.06 -4.28 19.14
C THR B 20 6.16 -4.58 20.14
N VAL B 21 7.10 -3.64 20.23
CA VAL B 21 8.13 -3.72 21.26
C VAL B 21 7.47 -3.76 22.63
N ASP B 22 6.47 -2.91 22.85
CA ASP B 22 5.79 -2.88 24.14
C ASP B 22 5.13 -4.21 24.46
N GLN B 23 4.53 -4.85 23.46
CA GLN B 23 3.91 -6.15 23.70
C GLN B 23 4.96 -7.18 24.12
N ILE B 25 7.92 -6.68 25.63
CA ILE B 25 8.33 -6.37 26.98
C ILE B 25 7.25 -6.79 27.99
N ALA B 26 5.98 -6.56 27.63
CA ALA B 26 4.89 -6.94 28.53
C ALA B 26 4.86 -8.44 28.80
N LEU B 27 5.33 -9.25 27.86
CA LEU B 27 5.36 -10.69 28.07
C LEU B 27 6.59 -11.12 28.87
N GLY B 28 7.49 -10.21 29.20
CA GLY B 28 8.69 -10.55 29.94
C GLY B 28 9.86 -10.95 29.07
N TRP B 29 9.80 -10.71 27.76
CA TRP B 29 10.90 -11.06 26.87
C TRP B 29 12.04 -10.05 26.98
N SER B 30 13.26 -10.56 26.98
CA SER B 30 14.45 -9.76 26.81
C SER B 30 14.85 -9.78 25.33
N PRO B 31 15.75 -8.90 24.89
CA PRO B 31 16.23 -9.00 23.51
C PRO B 31 16.79 -10.38 23.20
N CYS B 32 16.57 -10.83 21.98
CA CYS B 32 17.05 -12.12 21.53
C CYS B 32 17.20 -12.10 20.02
N ARG B 33 18.27 -12.70 19.53
CA ARG B 33 18.43 -12.82 18.08
C ARG B 33 17.30 -13.68 17.48
N VAL B 34 16.94 -13.34 16.25
CA VAL B 34 15.99 -14.10 15.46
C VAL B 34 16.78 -15.02 14.55
N VAL B 35 16.44 -16.31 14.55
CA VAL B 35 17.17 -17.29 13.76
C VAL B 35 16.36 -17.83 12.61
N GLU B 36 15.07 -17.54 12.54
CA GLU B 36 14.27 -17.97 11.41
C GLU B 36 13.15 -16.97 11.14
N ALA B 37 12.90 -16.71 9.86
CA ALA B 37 11.69 -16.02 9.42
C ALA B 37 10.90 -17.01 8.58
N ARG B 38 9.61 -17.14 8.86
CA ARG B 38 8.74 -18.12 8.20
C ARG B 38 7.51 -17.41 7.68
N TRP B 39 7.00 -17.82 6.52
CA TRP B 39 5.78 -17.18 6.02
C TRP B 39 5.09 -18.11 5.04
N ARG B 40 3.83 -17.79 4.74
CA ARG B 40 3.04 -18.52 3.75
C ARG B 40 2.96 -17.75 2.44
N TRP B 41 3.15 -18.48 1.33
CA TRP B 41 2.93 -17.98 -0.01
C TRP B 41 2.08 -19.03 -0.71
N GLN B 42 0.84 -18.66 -1.01
CA GLN B 42 -0.14 -19.60 -1.57
C GLN B 42 -0.25 -20.81 -0.63
N GLU B 43 0.16 -22.00 -1.10
CA GLU B 43 -0.05 -23.23 -0.33
C GLU B 43 1.26 -23.75 0.25
N GLN B 44 2.24 -22.89 0.38
CA GLN B 44 3.57 -23.28 0.80
C GLN B 44 3.98 -22.46 2.00
N LEU B 45 4.63 -23.13 2.95
CA LEU B 45 5.32 -22.44 4.03
C LEU B 45 6.79 -22.34 3.63
N LEU B 46 7.33 -21.14 3.71
CA LEU B 46 8.69 -20.87 3.28
C LEU B 46 9.43 -20.25 4.45
N SER B 47 10.75 -20.41 4.45
CA SER B 47 11.52 -19.84 5.54
C SER B 47 12.93 -19.54 5.10
N VAL B 48 13.57 -18.67 5.88
CA VAL B 48 15.02 -18.46 5.80
C VAL B 48 15.56 -18.63 7.22
N VAL B 49 16.70 -19.31 7.34
CA VAL B 49 17.22 -19.69 8.64
C VAL B 49 18.69 -19.27 8.70
N ASN B 50 19.08 -18.66 9.81
CA ASN B 50 20.46 -18.23 10.02
C ASN B 50 20.70 -18.24 11.52
N SER B 51 21.49 -19.22 11.98
CA SER B 51 21.75 -19.34 13.41
C SER B 51 22.52 -18.14 13.94
N ARG B 52 23.23 -17.39 13.08
CA ARG B 52 23.92 -16.17 13.51
C ARG B 52 22.97 -15.00 13.70
N GLY B 53 21.72 -15.14 13.31
CA GLY B 53 20.76 -14.08 13.51
C GLY B 53 20.41 -13.40 12.19
N LEU B 54 19.18 -12.93 12.12
CA LEU B 54 18.72 -12.19 10.95
C LEU B 54 17.69 -11.17 11.40
N LEU B 55 17.53 -10.14 10.59
CA LEU B 55 16.51 -9.13 10.80
C LEU B 55 15.65 -9.09 9.55
N ALA B 56 14.38 -9.44 9.69
CA ALA B 56 13.49 -9.60 8.54
C ALA B 56 12.27 -8.69 8.66
N ILE B 57 11.88 -8.06 7.54
CA ILE B 57 10.61 -7.34 7.42
C ILE B 57 9.90 -7.79 6.15
N VAL B 58 8.57 -7.67 6.15
CA VAL B 58 7.80 -7.81 4.92
C VAL B 58 7.67 -6.43 4.30
N VAL B 59 8.12 -6.30 3.07
CA VAL B 59 8.06 -5.02 2.37
C VAL B 59 6.56 -4.73 2.21
N PRO B 60 6.12 -3.46 2.26
CA PRO B 60 4.66 -3.20 2.27
C PRO B 60 3.94 -3.64 1.00
N ASP B 61 4.65 -4.02 -0.07
CA ASP B 61 3.96 -4.59 -1.21
C ASP B 61 3.48 -6.03 -0.97
N ARG B 62 3.81 -6.61 0.20
CA ARG B 62 3.42 -7.95 0.59
C ARG B 62 3.90 -9.00 -0.40
N GLN B 63 4.96 -8.72 -1.15
CA GLN B 63 5.46 -9.74 -2.05
C GLN B 63 6.98 -9.76 -2.10
N HIS B 64 7.63 -9.08 -1.17
CA HIS B 64 9.06 -9.19 -0.96
C HIS B 64 9.31 -9.14 0.52
N LEU B 65 10.41 -9.77 0.92
CA LEU B 65 10.95 -9.58 2.26
C LEU B 65 12.32 -8.95 2.11
N ALA B 66 12.66 -8.10 3.06
CA ALA B 66 13.99 -7.54 3.16
C ALA B 66 14.63 -8.23 4.36
N ILE B 67 15.79 -8.85 4.13
CA ILE B 67 16.41 -9.71 5.13
C ILE B 67 17.82 -9.21 5.37
N LEU B 68 18.09 -8.74 6.58
CA LEU B 68 19.43 -8.39 7.00
C LEU B 68 20.05 -9.64 7.64
N TRP B 69 21.10 -10.16 7.01
CA TRP B 69 21.61 -11.51 7.24
C TRP B 69 22.96 -11.44 7.92
N ASN B 70 23.05 -11.91 9.17
CA ASN B 70 24.33 -11.76 9.87
C ASN B 70 25.40 -12.67 9.28
N ASP B 71 26.58 -12.10 9.03
CA ASP B 71 27.66 -12.82 8.35
C ASP B 71 28.73 -13.35 9.30
N ASP B 72 28.66 -13.06 10.60
CA ASP B 72 29.60 -13.69 11.54
C ASP B 72 28.92 -13.82 12.91
N ASP B 73 29.71 -14.04 13.96
CA ASP B 73 29.18 -14.26 15.29
C ASP B 73 28.93 -12.98 16.07
N THR B 74 29.29 -11.83 15.51
CA THR B 74 29.25 -10.57 16.25
C THR B 74 27.87 -9.94 16.30
N GLY B 75 26.99 -10.25 15.34
CA GLY B 75 25.76 -9.51 15.20
C GLY B 75 25.90 -8.19 14.48
N VAL B 76 27.10 -7.83 14.04
CA VAL B 76 27.35 -6.56 13.37
C VAL B 76 27.43 -6.77 11.86
N ALA B 77 28.50 -7.43 11.40
CA ALA B 77 28.68 -7.66 9.97
C ALA B 77 27.49 -8.38 9.39
N ALA B 78 26.93 -7.84 8.32
CA ALA B 78 25.72 -8.41 7.73
C ALA B 78 25.61 -7.99 6.28
N THR B 79 24.72 -8.68 5.56
CA THR B 79 24.44 -8.41 4.15
C THR B 79 22.92 -8.29 3.99
N LEU B 80 22.48 -7.26 3.26
CA LEU B 80 21.05 -7.07 3.03
C LEU B 80 20.63 -7.79 1.76
N TYR B 81 19.55 -8.57 1.85
CA TYR B 81 18.94 -9.23 0.71
C TYR B 81 17.49 -8.82 0.58
N VAL B 82 17.02 -8.69 -0.67
CA VAL B 82 15.59 -8.69 -0.96
C VAL B 82 15.22 -10.07 -1.47
N VAL B 83 14.21 -10.68 -0.86
CA VAL B 83 13.81 -12.05 -1.18
C VAL B 83 12.39 -11.99 -1.74
N SER B 84 12.16 -12.68 -2.84
CA SER B 84 10.80 -12.73 -3.36
C SER B 84 9.87 -13.51 -2.42
N GLY B 85 8.59 -13.16 -2.46
CA GLY B 85 7.62 -13.85 -1.61
C GLY B 85 7.57 -15.34 -1.83
N ASP B 86 7.80 -15.80 -3.06
CA ASP B 86 7.79 -17.23 -3.30
C ASP B 86 9.13 -17.89 -3.02
N ARG B 87 10.10 -17.13 -2.50
CA ARG B 87 11.41 -17.60 -2.08
C ARG B 87 12.27 -18.07 -3.24
N GLN B 88 11.86 -17.81 -4.48
CA GLN B 88 12.64 -18.31 -5.62
C GLN B 88 13.80 -17.40 -6.00
N GLN B 89 13.76 -16.13 -5.59
CA GLN B 89 14.76 -15.16 -6.02
C GLN B 89 15.28 -14.41 -4.81
N GLN B 90 16.58 -14.13 -4.82
CA GLN B 90 17.17 -13.21 -3.88
C GLN B 90 18.01 -12.23 -4.67
N ILE B 91 18.04 -10.99 -4.18
CA ILE B 91 18.91 -9.96 -4.74
C ILE B 91 19.69 -9.35 -3.59
N ARG B 92 21.01 -9.34 -3.70
CA ARG B 92 21.83 -8.73 -2.68
C ARG B 92 21.92 -7.22 -2.94
N ILE B 93 21.67 -6.42 -1.91
CA ILE B 93 21.73 -4.97 -2.03
C ILE B 93 23.17 -4.51 -1.78
N ALA B 94 23.72 -3.72 -2.69
CA ALA B 94 25.09 -3.24 -2.52
C ALA B 94 25.23 -2.45 -1.23
N ASP B 95 26.36 -2.66 -0.55
CA ASP B 95 26.67 -1.86 0.63
C ASP B 95 28.00 -1.14 0.48
N GLN B 96 28.50 -1.02 -0.76
CA GLN B 96 29.51 -0.04 -1.14
C GLN B 96 28.76 1.03 -1.93
N LEU B 97 28.50 2.16 -1.29
CA LEU B 97 27.58 3.17 -1.80
C LEU B 97 28.34 4.41 -2.27
N LEU B 98 27.90 4.97 -3.38
CA LEU B 98 28.45 6.24 -3.85
C LEU B 98 27.82 7.37 -3.05
N ILE B 99 28.63 8.09 -2.28
CA ILE B 99 28.16 9.16 -1.41
C ILE B 99 29.09 10.33 -1.59
N ASN B 100 28.56 11.45 -2.05
CA ASN B 100 29.34 12.67 -2.28
C ASN B 100 30.56 12.35 -3.16
N GLY B 101 30.32 11.59 -4.22
CA GLY B 101 31.35 11.31 -5.20
C GLY B 101 32.35 10.24 -4.83
N GLN B 102 32.25 9.63 -3.65
CA GLN B 102 33.20 8.61 -3.21
C GLN B 102 32.46 7.32 -2.91
N LEU B 103 33.06 6.19 -3.32
CA LEU B 103 32.57 4.88 -2.94
C LEU B 103 32.92 4.61 -1.48
N GLU B 104 31.89 4.39 -0.66
CA GLU B 104 32.02 4.23 0.77
C GLU B 104 31.56 2.84 1.16
N ALA B 105 32.42 2.07 1.81
CA ALA B 105 31.96 0.83 2.41
C ALA B 105 31.11 1.12 3.66
N GLY B 106 30.18 0.22 3.95
CA GLY B 106 29.38 0.35 5.15
C GLY B 106 28.59 -0.91 5.41
N ILE B 107 27.72 -0.84 6.42
CA ILE B 107 26.98 -1.99 6.91
C ILE B 107 25.52 -1.61 7.12
N TYR B 108 24.61 -2.39 6.53
CA TYR B 108 23.20 -2.15 6.81
C TYR B 108 22.88 -2.59 8.24
N SER B 109 22.06 -1.81 8.94
CA SER B 109 22.01 -1.88 10.39
C SER B 109 20.62 -2.15 10.97
N TRP B 110 19.57 -1.53 10.45
CA TRP B 110 18.19 -1.79 10.88
C TRP B 110 17.25 -1.16 9.87
N PHE B 111 15.95 -1.45 10.05
CA PHE B 111 14.91 -0.98 9.12
C PHE B 111 14.04 0.08 9.79
N GLU B 112 13.53 1.01 8.98
CA GLU B 112 12.51 1.97 9.40
C GLU B 112 11.43 2.06 8.32
N GLN B 113 10.25 2.53 8.70
CA GLN B 113 9.17 2.76 7.73
C GLN B 113 8.84 4.25 7.67
N PHE B 114 8.90 4.83 6.48
CA PHE B 114 8.54 6.22 6.22
C PHE B 114 7.45 6.23 5.14
N PRO B 115 6.71 7.33 4.99
CA PRO B 115 5.75 7.43 3.89
C PRO B 115 6.44 7.28 2.54
N GLN B 116 5.79 6.55 1.65
CA GLN B 116 6.35 6.29 0.32
C GLN B 116 5.23 6.40 -0.70
N VAL B 117 5.61 6.70 -1.95
CA VAL B 117 4.65 6.69 -3.04
C VAL B 117 4.41 5.29 -3.58
N SER B 118 5.18 4.30 -3.12
CA SER B 118 5.04 2.94 -3.60
C SER B 118 5.25 2.01 -2.41
N PRO B 119 4.34 1.04 -2.21
CA PRO B 119 4.56 0.03 -1.16
C PRO B 119 5.77 -0.84 -1.40
N SER B 120 6.35 -0.80 -2.60
CA SER B 120 7.52 -1.61 -2.89
C SER B 120 8.78 -1.07 -2.25
N ILE B 121 8.77 0.15 -1.74
CA ILE B 121 9.98 0.78 -1.17
C ILE B 121 10.07 0.51 0.31
N PHE B 122 11.25 0.11 0.79
CA PHE B 122 11.53 -0.02 2.21
C PHE B 122 12.79 0.78 2.49
N THR B 123 13.10 0.94 3.77
CA THR B 123 14.20 1.79 4.20
C THR B 123 15.13 0.98 5.10
N CYS B 124 16.42 1.00 4.80
CA CYS B 124 17.42 0.40 5.66
C CYS B 124 18.45 1.45 6.03
N PHE B 126 22.07 2.66 7.04
CA PHE B 126 23.40 2.26 6.59
C PHE B 126 24.43 3.00 7.44
N SER B 127 25.37 2.23 8.01
CA SER B 127 26.45 2.80 8.82
C SER B 127 27.71 2.89 7.96
N ARG B 128 28.10 4.11 7.61
CA ARG B 128 29.31 4.30 6.81
C ARG B 128 30.52 3.82 7.61
N GLN B 129 31.31 2.94 7.00
CA GLN B 129 32.34 2.25 7.78
C GLN B 129 33.40 3.21 8.32
N ARG B 130 33.77 4.24 7.56
CA ARG B 130 34.97 4.99 7.96
C ARG B 130 34.71 5.94 9.14
N ASP B 131 33.49 6.45 9.29
CA ASP B 131 33.16 7.34 10.38
C ASP B 131 31.89 6.97 11.13
N GLN B 132 31.26 5.84 10.79
CA GLN B 132 30.01 5.39 11.41
C GLN B 132 28.88 6.39 11.23
N ALA B 133 28.99 7.28 10.23
CA ALA B 133 27.90 8.16 9.89
C ALA B 133 26.71 7.34 9.39
N PHE B 135 23.18 6.70 7.28
CA PHE B 135 22.47 7.14 6.09
C PHE B 135 21.19 6.34 5.98
N ARG B 136 20.13 7.02 5.58
CA ARG B 136 18.86 6.39 5.26
C ARG B 136 18.88 5.98 3.80
N VAL B 137 18.76 4.69 3.53
CA VAL B 137 18.79 4.16 2.17
C VAL B 137 17.41 3.64 1.84
N ASP B 138 16.75 4.27 0.86
CA ASP B 138 15.46 3.75 0.39
C ASP B 138 15.70 2.85 -0.80
N ILE B 139 15.01 1.71 -0.83
CA ILE B 139 15.29 0.66 -1.79
C ILE B 139 13.97 0.20 -2.37
N ASP B 140 13.92 0.03 -3.67
CA ASP B 140 12.71 -0.45 -4.35
C ASP B 140 12.80 -1.97 -4.46
N ALA B 141 12.00 -2.67 -3.65
CA ALA B 141 12.03 -4.12 -3.67
C ALA B 141 11.57 -4.71 -5.00
N SER B 142 10.78 -3.97 -5.79
CA SER B 142 10.31 -4.56 -7.04
C SER B 142 11.42 -4.65 -8.08
N THR B 143 12.49 -3.87 -7.93
CA THR B 143 13.61 -3.93 -8.85
C THR B 143 14.90 -4.33 -8.20
N GLY B 144 15.02 -4.19 -6.89
CA GLY B 144 16.29 -4.33 -6.21
C GLY B 144 17.18 -3.11 -6.27
N ASP B 145 16.70 -2.00 -6.88
CA ASP B 145 17.49 -0.79 -7.03
C ASP B 145 17.42 0.08 -5.78
N ILE B 146 18.56 0.70 -5.45
CA ILE B 146 18.54 1.74 -4.45
C ILE B 146 17.85 2.96 -5.03
N VAL B 147 16.90 3.51 -4.30
CA VAL B 147 16.16 4.67 -4.73
C VAL B 147 16.86 5.95 -4.33
N SER B 148 17.31 6.03 -3.08
CA SER B 148 17.98 7.25 -2.65
C SER B 148 18.78 6.95 -1.39
N ILE B 149 19.73 7.84 -1.13
CA ILE B 149 20.55 7.80 0.08
C ILE B 149 20.57 9.21 0.65
N GLN B 150 20.31 9.35 1.95
CA GLN B 150 20.35 10.65 2.60
C GLN B 150 21.02 10.52 3.96
N HIS B 151 21.77 11.56 4.33
CA HIS B 151 22.39 11.61 5.64
C HIS B 151 21.31 11.61 6.72
N SER B 152 21.54 10.84 7.77
CA SER B 152 20.58 10.70 8.84
C SER B 152 21.27 10.95 10.16
N ARG B 153 20.47 11.26 11.17
CA ARG B 153 20.97 11.53 12.53
C ARG B 153 19.92 11.14 13.56
N ILE C 2 6.22 1.05 -10.97
CA ILE C 2 5.50 1.67 -12.07
C ILE C 2 5.35 3.15 -11.81
N SER C 3 5.78 3.98 -12.76
CA SER C 3 5.71 5.43 -12.65
C SER C 3 5.10 6.01 -13.93
N ASP C 4 4.65 7.26 -13.84
CA ASP C 4 4.22 8.01 -15.01
C ASP C 4 3.20 7.25 -15.87
N PHE C 5 2.20 6.70 -15.19
CA PHE C 5 1.17 5.89 -15.84
C PHE C 5 0.14 6.78 -16.51
N GLU C 6 0.03 6.66 -17.83
CA GLU C 6 -0.82 7.54 -18.63
C GLU C 6 -1.70 6.69 -19.52
N ARG C 7 -2.96 7.10 -19.66
CA ARG C 7 -3.89 6.43 -20.54
C ARG C 7 -4.25 7.40 -21.67
N ILE C 8 -4.15 6.95 -22.90
CA ILE C 8 -4.29 7.84 -24.05
C ILE C 8 -5.60 7.48 -24.74
N ARG C 9 -6.51 8.43 -24.79
CA ARG C 9 -7.81 8.22 -25.44
C ARG C 9 -7.65 8.17 -26.97
N GLU C 10 -8.64 7.57 -27.63
CA GLU C 10 -8.61 7.55 -29.10
C GLU C 10 -8.49 8.95 -29.68
N ASP C 11 -9.01 9.97 -28.98
CA ASP C 11 -8.90 11.33 -29.50
C ASP C 11 -7.60 12.03 -29.10
N GLY C 12 -6.70 11.33 -28.42
CA GLY C 12 -5.39 11.89 -28.11
C GLY C 12 -5.28 12.53 -26.74
N LYS C 13 -6.41 12.80 -26.10
CA LYS C 13 -6.38 13.38 -24.76
C LYS C 13 -5.77 12.36 -23.80
N VAL C 14 -5.01 12.84 -22.83
CA VAL C 14 -4.24 11.98 -21.94
C VAL C 14 -4.82 12.06 -20.55
N ILE C 15 -5.14 10.90 -19.99
CA ILE C 15 -5.64 10.80 -18.62
C ILE C 15 -4.44 10.52 -17.72
N ASP C 16 -4.17 11.44 -16.80
CA ASP C 16 -3.10 11.24 -15.83
C ASP C 16 -3.59 10.32 -14.70
N GLU C 17 -2.65 9.71 -13.99
CA GLU C 17 -3.06 8.76 -12.97
C GLU C 17 -3.84 9.49 -11.88
N ASN C 18 -4.97 8.91 -11.48
CA ASN C 18 -5.85 9.49 -10.47
C ASN C 18 -6.43 10.85 -10.89
N THR C 20 -9.59 12.63 -11.91
CA THR C 20 -10.93 12.20 -11.57
C THR C 20 -11.90 12.41 -12.71
N VAL C 21 -13.05 11.71 -12.64
CA VAL C 21 -14.13 11.92 -13.59
C VAL C 21 -14.53 13.40 -13.62
N ASP C 22 -14.60 14.04 -12.45
CA ASP C 22 -15.04 15.44 -12.42
C ASP C 22 -14.04 16.35 -13.11
N GLN C 23 -12.74 16.03 -12.98
CA GLN C 23 -11.73 16.83 -13.67
C GLN C 23 -11.88 16.68 -15.18
N ILE C 25 -14.67 16.01 -16.85
CA ILE C 25 -15.85 16.75 -17.27
C ILE C 25 -15.58 18.24 -17.28
N ALA C 26 -14.87 18.74 -16.26
CA ALA C 26 -14.56 20.17 -16.17
C ALA C 26 -13.71 20.63 -17.34
N LEU C 27 -12.96 19.74 -17.98
CA LEU C 27 -12.21 20.09 -19.17
C LEU C 27 -13.06 20.04 -20.43
N GLY C 28 -14.33 19.67 -20.29
CA GLY C 28 -15.20 19.52 -21.45
C GLY C 28 -15.02 18.23 -22.20
N TRP C 29 -14.50 17.18 -21.55
CA TRP C 29 -14.32 15.90 -22.23
C TRP C 29 -15.60 15.09 -22.22
N SER C 30 -15.86 14.44 -23.35
CA SER C 30 -16.88 13.41 -23.48
C SER C 30 -16.25 12.05 -23.21
N PRO C 31 -17.07 11.02 -22.96
CA PRO C 31 -16.53 9.66 -22.88
C PRO C 31 -15.82 9.29 -24.17
N CYS C 32 -14.71 8.58 -24.03
CA CYS C 32 -13.96 8.14 -25.20
C CYS C 32 -13.18 6.89 -24.84
N ARG C 33 -13.08 5.94 -25.76
CA ARG C 33 -12.25 4.76 -25.50
C ARG C 33 -10.79 5.15 -25.29
N VAL C 34 -10.14 4.38 -24.43
CA VAL C 34 -8.71 4.46 -24.20
C VAL C 34 -8.06 3.40 -25.07
N VAL C 35 -7.12 3.81 -25.91
CA VAL C 35 -6.46 2.89 -26.81
C VAL C 35 -5.03 2.57 -26.40
N GLU C 36 -4.47 3.27 -25.42
CA GLU C 36 -3.11 2.97 -25.00
C GLU C 36 -2.95 3.26 -23.52
N ALA C 37 -2.24 2.36 -22.81
CA ALA C 37 -1.75 2.61 -21.47
C ALA C 37 -0.23 2.57 -21.54
N ARG C 38 0.43 3.58 -20.98
CA ARG C 38 1.87 3.71 -21.06
C ARG C 38 2.40 4.01 -19.67
N TRP C 39 3.60 3.51 -19.36
CA TRP C 39 4.18 3.77 -18.04
C TRP C 39 5.68 3.60 -18.09
N ARG C 40 6.36 4.08 -17.04
CA ARG C 40 7.79 3.88 -16.90
C ARG C 40 8.09 2.77 -15.90
N TRP C 41 9.04 1.91 -16.25
CA TRP C 41 9.64 0.93 -15.35
C TRP C 41 11.14 1.08 -15.49
N GLN C 42 11.80 1.49 -14.40
CA GLN C 42 13.23 1.77 -14.46
C GLN C 42 13.53 2.73 -15.59
N GLU C 43 14.34 2.33 -16.58
CA GLU C 43 14.75 3.28 -17.62
C GLU C 43 14.02 3.06 -18.94
N GLN C 44 12.86 2.44 -18.91
CA GLN C 44 12.11 2.11 -20.12
C GLN C 44 10.68 2.64 -20.03
N LEU C 45 10.18 3.12 -21.15
CA LEU C 45 8.77 3.39 -21.33
C LEU C 45 8.13 2.14 -21.92
N LEU C 46 7.05 1.69 -21.31
CA LEU C 46 6.38 0.46 -21.72
C LEU C 46 4.93 0.78 -21.99
N SER C 47 4.31 0.00 -22.85
CA SER C 47 2.91 0.30 -23.14
C SER C 47 2.19 -0.96 -23.60
N VAL C 48 0.87 -0.88 -23.56
CA VAL C 48 -0.01 -1.81 -24.27
C VAL C 48 -1.00 -0.98 -25.08
N VAL C 49 -1.34 -1.46 -26.28
CA VAL C 49 -2.14 -0.67 -27.20
C VAL C 49 -3.23 -1.56 -27.76
N ASN C 50 -4.47 -1.08 -27.75
CA ASN C 50 -5.59 -1.83 -28.33
C ASN C 50 -6.52 -0.84 -29.01
N SER C 51 -6.61 -0.87 -30.35
CA SER C 51 -7.45 0.13 -31.00
C SER C 51 -8.93 -0.11 -30.70
N ARG C 52 -9.28 -1.31 -30.24
CA ARG C 52 -10.63 -1.61 -29.80
C ARG C 52 -10.97 -1.03 -28.44
N GLY C 53 -9.99 -0.56 -27.70
CA GLY C 53 -10.22 0.00 -26.38
C GLY C 53 -9.74 -0.93 -25.27
N LEU C 54 -9.34 -0.32 -24.16
CA LEU C 54 -8.90 -1.07 -22.99
C LEU C 54 -9.19 -0.25 -21.74
N LEU C 55 -9.23 -0.93 -20.60
CA LEU C 55 -9.40 -0.27 -19.32
C LEU C 55 -8.22 -0.73 -18.48
N ALA C 56 -7.41 0.22 -18.00
CA ALA C 56 -6.16 -0.13 -17.31
C ALA C 56 -6.11 0.54 -15.96
N ILE C 57 -5.64 -0.21 -14.95
CA ILE C 57 -5.35 0.37 -13.64
C ILE C 57 -3.96 -0.10 -13.22
N VAL C 58 -3.33 0.69 -12.38
CA VAL C 58 -2.12 0.22 -11.71
C VAL C 58 -2.55 -0.42 -10.39
N VAL C 59 -2.18 -1.69 -10.21
CA VAL C 59 -2.49 -2.36 -8.94
C VAL C 59 -1.77 -1.63 -7.82
N PRO C 60 -2.35 -1.52 -6.62
CA PRO C 60 -1.71 -0.65 -5.61
C PRO C 60 -0.32 -1.10 -5.17
N ASP C 61 0.13 -2.31 -5.53
CA ASP C 61 1.51 -2.69 -5.26
C ASP C 61 2.50 -1.99 -6.19
N ARG C 62 2.00 -1.22 -7.17
CA ARG C 62 2.82 -0.45 -8.12
C ARG C 62 3.79 -1.33 -8.89
N GLN C 63 3.47 -2.62 -9.07
CA GLN C 63 4.35 -3.47 -9.86
C GLN C 63 3.55 -4.43 -10.73
N HIS C 64 2.24 -4.24 -10.80
CA HIS C 64 1.40 -4.91 -11.77
C HIS C 64 0.41 -3.92 -12.32
N LEU C 65 -0.06 -4.19 -13.53
CA LEU C 65 -1.20 -3.50 -14.09
C LEU C 65 -2.30 -4.53 -14.32
N ALA C 66 -3.54 -4.13 -14.10
CA ALA C 66 -4.67 -4.95 -14.52
C ALA C 66 -5.23 -4.29 -15.77
N ILE C 67 -5.41 -5.07 -16.82
CA ILE C 67 -5.78 -4.56 -18.12
C ILE C 67 -7.03 -5.30 -18.57
N LEU C 68 -8.14 -4.59 -18.76
CA LEU C 68 -9.35 -5.19 -19.33
C LEU C 68 -9.33 -4.85 -20.82
N TRP C 69 -9.20 -5.88 -21.65
CA TRP C 69 -8.83 -5.75 -23.06
C TRP C 69 -10.04 -6.04 -23.92
N ASN C 70 -10.47 -5.07 -24.74
CA ASN C 70 -11.66 -5.28 -25.55
C ASN C 70 -11.35 -6.26 -26.67
N ASP C 71 -12.25 -7.25 -26.88
CA ASP C 71 -12.00 -8.31 -27.85
C ASP C 71 -12.76 -8.13 -29.16
N ASP C 72 -13.65 -7.16 -29.26
CA ASP C 72 -14.28 -6.90 -30.54
C ASP C 72 -14.62 -5.42 -30.63
N ASP C 73 -15.47 -5.06 -31.60
CA ASP C 73 -15.76 -3.66 -31.87
C ASP C 73 -16.89 -3.11 -31.01
N THR C 74 -17.40 -3.89 -30.06
CA THR C 74 -18.58 -3.49 -29.32
C THR C 74 -18.29 -2.81 -28.00
N GLY C 75 -17.08 -2.98 -27.43
CA GLY C 75 -16.78 -2.52 -26.09
C GLY C 75 -17.26 -3.41 -24.97
N VAL C 76 -17.97 -4.51 -25.28
CA VAL C 76 -18.50 -5.42 -24.28
C VAL C 76 -17.55 -6.59 -24.07
N ALA C 77 -17.41 -7.44 -25.09
CA ALA C 77 -16.53 -8.60 -24.99
C ALA C 77 -15.13 -8.14 -24.59
N ALA C 78 -14.57 -8.79 -23.58
CA ALA C 78 -13.27 -8.34 -23.09
C ALA C 78 -12.64 -9.47 -22.29
N THR C 79 -11.31 -9.40 -22.16
CA THR C 79 -10.54 -10.36 -21.37
C THR C 79 -9.67 -9.59 -20.37
N LEU C 80 -9.60 -10.08 -19.14
CA LEU C 80 -8.80 -9.44 -18.10
C LEU C 80 -7.43 -10.07 -18.02
N TYR C 81 -6.40 -9.23 -18.01
CA TYR C 81 -5.01 -9.66 -17.86
C TYR C 81 -4.37 -8.91 -16.70
N VAL C 82 -3.45 -9.58 -16.02
CA VAL C 82 -2.52 -8.94 -15.09
C VAL C 82 -1.16 -8.93 -15.78
N VAL C 83 -0.59 -7.75 -15.95
CA VAL C 83 0.66 -7.57 -16.66
C VAL C 83 1.71 -7.13 -15.66
N SER C 84 2.89 -7.73 -15.72
CA SER C 84 3.96 -7.32 -14.82
C SER C 84 4.41 -5.90 -15.15
N GLY C 85 4.98 -5.22 -14.15
CA GLY C 85 5.42 -3.86 -14.38
C GLY C 85 6.48 -3.75 -15.46
N ASP C 86 7.34 -4.76 -15.58
CA ASP C 86 8.35 -4.69 -16.62
C ASP C 86 7.82 -5.13 -17.98
N ARG C 87 6.53 -5.45 -18.03
CA ARG C 87 5.81 -5.83 -19.24
C ARG C 87 6.35 -7.11 -19.87
N GLN C 88 7.12 -7.92 -19.13
CA GLN C 88 7.68 -9.11 -19.73
C GLN C 88 6.74 -10.31 -19.66
N GLN C 89 5.82 -10.32 -18.70
CA GLN C 89 4.95 -11.47 -18.53
C GLN C 89 3.54 -10.99 -18.27
N GLN C 90 2.57 -11.85 -18.57
CA GLN C 90 1.22 -11.51 -18.20
C GLN C 90 0.47 -12.81 -17.94
N ILE C 91 -0.67 -12.66 -17.28
CA ILE C 91 -1.53 -13.79 -16.92
C ILE C 91 -2.96 -13.41 -17.27
N ARG C 92 -3.64 -14.31 -17.97
CA ARG C 92 -5.07 -14.14 -18.22
C ARG C 92 -5.84 -14.60 -16.99
N ILE C 93 -6.72 -13.74 -16.48
CA ILE C 93 -7.50 -14.08 -15.30
C ILE C 93 -8.74 -14.86 -15.75
N ALA C 94 -9.08 -15.91 -15.00
CA ALA C 94 -10.23 -16.74 -15.35
C ALA C 94 -11.52 -15.92 -15.36
N ASP C 95 -12.34 -16.08 -16.42
CA ASP C 95 -13.68 -15.50 -16.41
C ASP C 95 -14.76 -16.58 -16.56
N GLN C 96 -14.42 -17.82 -16.24
CA GLN C 96 -15.39 -18.86 -15.94
C GLN C 96 -15.17 -19.21 -14.48
N LEU C 97 -16.15 -18.89 -13.65
CA LEU C 97 -16.01 -18.89 -12.20
C LEU C 97 -16.96 -19.89 -11.58
N LEU C 98 -16.49 -20.56 -10.52
CA LEU C 98 -17.32 -21.46 -9.75
C LEU C 98 -18.14 -20.61 -8.79
N ILE C 99 -19.45 -20.57 -9.01
CA ILE C 99 -20.36 -19.82 -8.17
C ILE C 99 -21.47 -20.76 -7.75
N ASN C 100 -21.56 -21.01 -6.45
CA ASN C 100 -22.57 -21.93 -5.91
C ASN C 100 -22.51 -23.29 -6.59
N GLY C 101 -21.30 -23.81 -6.77
CA GLY C 101 -21.11 -25.15 -7.32
C GLY C 101 -21.28 -25.27 -8.82
N GLN C 102 -21.58 -24.18 -9.52
CA GLN C 102 -21.80 -24.20 -10.95
C GLN C 102 -20.70 -23.43 -11.64
N LEU C 103 -20.21 -23.96 -12.76
CA LEU C 103 -19.23 -23.23 -13.57
C LEU C 103 -19.97 -22.17 -14.40
N GLU C 104 -19.68 -20.89 -14.14
CA GLU C 104 -20.45 -19.78 -14.73
C GLU C 104 -19.55 -18.95 -15.63
N ALA C 105 -19.90 -18.87 -16.91
CA ALA C 105 -19.21 -17.93 -17.79
C ALA C 105 -19.64 -16.50 -17.51
N GLY C 106 -18.77 -15.56 -17.86
CA GLY C 106 -19.13 -14.17 -17.66
C GLY C 106 -18.11 -13.25 -18.30
N ILE C 107 -18.28 -11.96 -18.03
CA ILE C 107 -17.42 -10.93 -18.63
C ILE C 107 -17.00 -9.94 -17.56
N TYR C 108 -15.69 -9.72 -17.43
CA TYR C 108 -15.23 -8.62 -16.58
C TYR C 108 -15.60 -7.28 -17.23
N SER C 109 -16.05 -6.33 -16.39
CA SER C 109 -16.75 -5.14 -16.85
C SER C 109 -16.13 -3.84 -16.42
N TRP C 110 -15.62 -3.72 -15.18
CA TRP C 110 -14.95 -2.48 -14.77
C TRP C 110 -14.26 -2.76 -13.43
N PHE C 111 -13.44 -1.80 -12.98
CA PHE C 111 -12.65 -1.97 -11.77
C PHE C 111 -13.23 -1.11 -10.64
N GLU C 112 -13.06 -1.58 -9.41
CA GLU C 112 -13.32 -0.78 -8.23
C GLU C 112 -12.19 -0.99 -7.24
N GLN C 113 -12.08 -0.09 -6.27
CA GLN C 113 -11.06 -0.22 -5.24
C GLN C 113 -11.74 -0.28 -3.88
N PHE C 114 -11.46 -1.34 -3.14
CA PHE C 114 -11.92 -1.49 -1.76
C PHE C 114 -10.73 -1.61 -0.83
N PRO C 115 -10.93 -1.42 0.47
CA PRO C 115 -9.84 -1.67 1.44
C PRO C 115 -9.36 -3.11 1.35
N GLN C 116 -8.04 -3.28 1.40
CA GLN C 116 -7.44 -4.61 1.27
C GLN C 116 -6.32 -4.76 2.29
N VAL C 117 -6.04 -6.02 2.64
CA VAL C 117 -4.92 -6.30 3.54
C VAL C 117 -3.60 -6.34 2.80
N SER C 118 -3.62 -6.31 1.46
CA SER C 118 -2.43 -6.32 0.69
C SER C 118 -2.61 -5.41 -0.52
N PRO C 119 -1.62 -4.57 -0.82
CA PRO C 119 -1.69 -3.74 -2.03
C PRO C 119 -1.68 -4.56 -3.31
N SER C 120 -1.36 -5.85 -3.24
CA SER C 120 -1.34 -6.67 -4.44
C SER C 120 -2.75 -7.03 -4.92
N ILE C 121 -3.79 -6.76 -4.13
CA ILE C 121 -5.17 -7.15 -4.48
C ILE C 121 -5.85 -6.01 -5.21
N PHE C 122 -6.50 -6.34 -6.34
CA PHE C 122 -7.40 -5.40 -7.01
C PHE C 122 -8.74 -6.08 -7.21
N THR C 123 -9.74 -5.29 -7.58
CA THR C 123 -11.10 -5.78 -7.73
C THR C 123 -11.60 -5.52 -9.15
N CYS C 124 -12.22 -6.53 -9.76
CA CYS C 124 -12.85 -6.33 -11.06
C CYS C 124 -14.27 -6.87 -10.97
N PHE C 126 -17.63 -8.45 -12.32
CA PHE C 126 -17.85 -9.56 -13.26
C PHE C 126 -19.34 -9.69 -13.50
N SER C 127 -19.75 -9.69 -14.77
CA SER C 127 -21.15 -9.86 -15.15
C SER C 127 -21.36 -11.31 -15.56
N ARG C 128 -22.15 -12.04 -14.76
CA ARG C 128 -22.41 -13.45 -15.04
C ARG C 128 -23.25 -13.58 -16.31
N GLN C 129 -22.82 -14.41 -17.24
CA GLN C 129 -23.41 -14.39 -18.58
C GLN C 129 -24.88 -14.77 -18.54
N ARG C 130 -25.26 -15.72 -17.69
CA ARG C 130 -26.59 -16.30 -17.84
C ARG C 130 -27.69 -15.35 -17.37
N ASP C 131 -27.40 -14.45 -16.43
CA ASP C 131 -28.43 -13.57 -15.91
C ASP C 131 -27.96 -12.14 -15.68
N GLN C 132 -26.71 -11.82 -16.07
CA GLN C 132 -26.08 -10.51 -15.89
C GLN C 132 -25.98 -10.09 -14.42
N ALA C 133 -26.01 -11.04 -13.48
CA ALA C 133 -25.79 -10.69 -12.09
C ALA C 133 -24.33 -10.27 -11.92
N PHE C 135 -20.82 -9.64 -9.85
CA PHE C 135 -20.03 -10.21 -8.78
C PHE C 135 -18.77 -9.38 -8.63
N ARG C 136 -18.42 -9.11 -7.38
CA ARG C 136 -17.13 -8.49 -7.07
C ARG C 136 -16.08 -9.60 -7.00
N VAL C 137 -15.03 -9.47 -7.81
CA VAL C 137 -13.97 -10.48 -7.87
C VAL C 137 -12.66 -9.82 -7.44
N ASP C 138 -12.16 -10.23 -6.29
CA ASP C 138 -10.88 -9.75 -5.80
C ASP C 138 -9.79 -10.70 -6.27
N ILE C 139 -8.70 -10.12 -6.78
CA ILE C 139 -7.64 -10.85 -7.47
C ILE C 139 -6.30 -10.43 -6.88
N ASP C 140 -5.45 -11.40 -6.56
CA ASP C 140 -4.09 -11.13 -6.07
C ASP C 140 -3.16 -11.02 -7.26
N ALA C 141 -2.76 -9.80 -7.60
CA ALA C 141 -1.87 -9.64 -8.75
C ALA C 141 -0.51 -10.25 -8.54
N SER C 142 -0.08 -10.46 -7.29
CA SER C 142 1.24 -11.04 -7.08
C SER C 142 1.28 -12.52 -7.44
N THR C 143 0.12 -13.18 -7.56
CA THR C 143 0.07 -14.57 -7.95
C THR C 143 -0.74 -14.79 -9.20
N GLY C 144 -1.55 -13.82 -9.59
CA GLY C 144 -2.41 -13.99 -10.73
C GLY C 144 -3.64 -14.80 -10.44
N ASP C 145 -3.97 -15.03 -9.15
CA ASP C 145 -5.07 -15.89 -8.78
C ASP C 145 -6.23 -15.12 -8.15
N ILE C 146 -7.43 -15.59 -8.41
CA ILE C 146 -8.59 -15.02 -7.75
C ILE C 146 -8.55 -15.32 -6.27
N VAL C 147 -8.84 -14.30 -5.47
CA VAL C 147 -8.89 -14.40 -4.01
C VAL C 147 -10.28 -14.76 -3.54
N SER C 148 -11.28 -14.01 -4.00
CA SER C 148 -12.65 -14.24 -3.56
C SER C 148 -13.63 -13.66 -4.56
N ILE C 149 -14.86 -14.18 -4.50
CA ILE C 149 -15.97 -13.70 -5.30
C ILE C 149 -17.15 -13.43 -4.39
N GLN C 150 -17.81 -12.29 -4.57
CA GLN C 150 -18.98 -11.96 -3.77
C GLN C 150 -20.06 -11.40 -4.67
N HIS C 151 -21.29 -11.85 -4.45
CA HIS C 151 -22.43 -11.29 -5.16
C HIS C 151 -22.51 -9.79 -4.87
N SER C 152 -22.73 -8.99 -5.91
CA SER C 152 -22.84 -7.55 -5.79
C SER C 152 -24.13 -7.07 -6.46
N ARG C 153 -24.41 -5.78 -6.30
CA ARG C 153 -25.58 -5.16 -6.91
C ARG C 153 -25.36 -3.67 -7.07
N ALA D 17 24.16 21.06 15.11
CA ALA D 17 23.50 20.41 16.23
C ALA D 17 23.89 21.06 17.56
N TRP D 18 25.04 21.72 17.59
CA TRP D 18 25.59 22.26 18.83
C TRP D 18 25.26 23.74 18.97
N LEU D 19 25.18 24.19 20.22
CA LEU D 19 24.88 25.59 20.51
C LEU D 19 26.05 26.48 20.13
N GLU D 20 25.81 27.39 19.18
CA GLU D 20 26.85 28.32 18.76
C GLU D 20 27.32 29.17 19.93
N GLY D 21 28.64 29.34 20.04
CA GLY D 21 29.23 30.09 21.13
C GLY D 21 29.63 29.26 22.33
N THR D 22 29.34 27.97 22.33
CA THR D 22 29.74 27.07 23.40
C THR D 22 30.76 26.06 22.88
N GLN D 23 31.70 25.69 23.75
CA GLN D 23 32.72 24.72 23.40
C GLN D 23 32.12 23.32 23.28
N VAL D 24 32.52 22.61 22.24
CA VAL D 24 32.20 21.20 22.08
C VAL D 24 33.48 20.43 22.37
N LYS D 25 33.51 19.71 23.48
CA LYS D 25 34.69 18.95 23.83
C LYS D 25 34.74 17.66 23.04
N THR D 26 35.95 17.17 22.83
CA THR D 26 36.21 15.80 22.39
C THR D 26 36.78 15.06 23.60
N GLU D 27 36.05 14.04 24.05
CA GLU D 27 36.44 13.28 25.23
C GLU D 27 36.62 11.81 24.88
N ILE D 28 37.40 11.14 25.71
CA ILE D 28 37.42 9.68 25.73
C ILE D 28 36.85 9.26 27.08
N VAL D 29 35.77 8.50 27.05
CA VAL D 29 35.14 8.04 28.29
C VAL D 29 35.48 6.57 28.46
N PRO D 30 35.60 6.08 29.69
CA PRO D 30 36.03 4.69 29.91
C PRO D 30 34.88 3.72 29.71
N PRO D 31 35.16 2.42 29.67
CA PRO D 31 34.05 1.46 29.69
C PRO D 31 33.26 1.60 30.98
N GLY D 32 31.96 1.32 30.90
CA GLY D 32 31.09 1.42 32.06
C GLY D 32 30.27 2.69 32.14
N ARG D 33 30.58 3.71 31.34
CA ARG D 33 29.77 4.93 31.33
C ARG D 33 28.43 4.65 30.66
N GLN D 34 27.34 5.10 31.29
CA GLN D 34 26.02 4.87 30.72
C GLN D 34 25.40 6.18 30.25
N TYR D 35 24.59 6.09 29.19
CA TYR D 35 23.89 7.23 28.63
C TYR D 35 22.46 6.81 28.30
N GLN D 36 21.59 7.80 28.18
CA GLN D 36 20.23 7.59 27.68
C GLN D 36 20.17 7.89 26.19
N VAL D 38 17.41 7.95 22.90
CA VAL D 38 16.10 7.78 22.29
C VAL D 38 16.27 6.92 21.04
N VAL D 39 15.32 6.00 20.83
CA VAL D 39 15.38 5.08 19.71
C VAL D 39 14.06 5.14 18.98
N ALA D 40 14.12 5.09 17.65
CA ALA D 40 12.93 5.13 16.83
C ALA D 40 12.25 3.77 16.79
N LYS D 41 11.16 3.67 16.01
CA LYS D 41 10.33 2.47 16.06
C LYS D 41 11.09 1.25 15.55
N GLY D 42 11.63 1.33 14.34
CA GLY D 42 12.32 0.16 13.79
C GLY D 42 13.62 -0.08 14.50
N GLN D 43 14.25 0.99 14.97
CA GLN D 43 15.44 0.89 15.81
C GLN D 43 15.15 0.04 17.05
N ALA D 44 14.07 0.38 17.76
CA ALA D 44 13.71 -0.39 18.95
C ALA D 44 13.37 -1.83 18.60
N GLU D 45 12.70 -2.04 17.45
CA GLU D 45 12.39 -3.40 17.04
C GLU D 45 13.67 -4.21 16.81
N ALA D 46 14.70 -3.59 16.22
CA ALA D 46 15.93 -4.31 15.94
C ALA D 46 16.66 -4.64 17.23
N ILE D 47 16.67 -3.70 18.16
CA ILE D 47 17.26 -3.92 19.48
C ILE D 47 16.61 -5.12 20.15
N GLN D 49 15.34 -7.53 18.77
CA GLN D 49 15.74 -8.69 17.99
C GLN D 49 17.25 -8.87 17.99
N GLY D 50 17.93 -8.36 19.00
CA GLY D 50 19.32 -8.69 19.22
C GLY D 50 20.30 -7.96 18.33
N LYS D 51 19.88 -6.86 17.68
CA LYS D 51 20.88 -6.14 16.90
C LYS D 51 21.39 -4.92 17.66
N PRO D 52 22.66 -4.55 17.46
CA PRO D 52 23.22 -3.35 18.10
C PRO D 52 22.84 -2.08 17.35
N ALA D 53 21.55 -1.75 17.37
CA ALA D 53 20.99 -0.69 16.53
C ALA D 53 21.08 0.66 17.25
N PHE D 54 22.32 1.13 17.44
CA PHE D 54 22.58 2.36 18.18
C PHE D 54 22.80 3.53 17.24
N GLY D 55 22.20 4.67 17.58
CA GLY D 55 22.43 5.90 16.86
C GLY D 55 23.70 6.56 17.36
N GLY D 56 23.97 7.76 16.81
CA GLY D 56 25.17 8.47 17.15
C GLY D 56 25.08 9.40 18.33
N PHE D 57 23.87 9.65 18.87
CA PHE D 57 23.69 10.64 19.92
C PHE D 57 22.98 10.03 21.14
N ALA D 58 23.36 10.52 22.30
CA ALA D 58 22.73 10.12 23.56
C ALA D 58 22.80 11.29 24.53
N ALA D 59 22.37 11.06 25.76
CA ALA D 59 22.29 12.10 26.77
C ALA D 59 22.81 11.57 28.09
N PRO D 60 23.56 12.39 28.83
CA PRO D 60 24.06 11.92 30.14
C PRO D 60 23.04 12.03 31.24
N GLU D 61 21.92 12.70 31.02
CA GLU D 61 20.91 12.93 32.04
C GLU D 61 19.62 12.24 31.63
N PRO D 62 18.73 11.94 32.59
CA PRO D 62 17.46 11.29 32.25
C PRO D 62 16.68 12.08 31.20
N ILE D 63 15.97 11.34 30.34
CA ILE D 63 15.15 11.91 29.28
C ILE D 63 13.70 11.74 29.71
N PRO D 64 13.05 12.78 30.25
CA PRO D 64 11.78 12.57 30.94
C PRO D 64 10.57 12.41 30.04
N SER D 65 10.64 12.84 28.78
CA SER D 65 9.42 12.80 27.95
C SER D 65 9.77 12.95 26.47
N GLN D 66 8.81 12.60 25.62
CA GLN D 66 8.98 12.83 24.19
C GLN D 66 9.03 14.32 23.87
N ALA D 67 8.28 15.13 24.62
CA ALA D 67 8.34 16.58 24.44
C ALA D 67 9.73 17.10 24.75
N TYR D 68 10.37 16.55 25.78
CA TYR D 68 11.76 16.91 26.08
C TYR D 68 12.70 16.42 24.99
N ALA D 69 12.48 15.20 24.50
CA ALA D 69 13.35 14.66 23.45
C ALA D 69 13.31 15.53 22.20
N ARG D 70 12.14 16.04 21.85
CA ARG D 70 12.03 16.95 20.71
C ARG D 70 12.61 18.32 21.04
N ASP D 71 12.09 18.96 22.09
CA ASP D 71 12.42 20.36 22.32
C ASP D 71 13.83 20.54 22.89
N LYS D 72 14.26 19.62 23.76
CA LYS D 72 15.53 19.81 24.45
C LYS D 72 16.68 19.04 23.79
N LEU D 73 16.46 17.78 23.44
CA LEU D 73 17.50 17.05 22.73
C LEU D 73 17.49 17.30 21.23
N VAL D 74 16.45 17.97 20.72
CA VAL D 74 16.35 18.37 19.32
C VAL D 74 16.50 17.16 18.42
N ILE D 75 15.74 16.11 18.72
CA ILE D 75 15.64 14.94 17.87
C ILE D 75 14.53 15.24 16.87
N LEU D 76 14.90 15.39 15.61
CA LEU D 76 13.97 15.93 14.61
C LEU D 76 13.04 14.85 14.07
N ASP D 77 11.79 15.24 13.78
CA ASP D 77 10.84 14.29 13.21
C ASP D 77 11.31 13.77 11.87
N ARG D 78 12.14 14.53 11.15
CA ARG D 78 12.62 14.10 9.84
C ARG D 78 13.49 12.86 9.96
N PHE D 79 14.18 12.70 11.07
CA PHE D 79 15.08 11.56 11.29
C PHE D 79 14.44 10.46 12.13
N LYS D 80 13.67 10.81 13.16
CA LYS D 80 13.00 9.83 14.00
C LYS D 80 11.52 10.20 14.08
N THR D 81 10.70 9.49 13.31
CA THR D 81 9.26 9.71 13.34
C THR D 81 8.68 9.43 14.73
N ASP D 82 9.11 8.34 15.35
CA ASP D 82 8.59 7.84 16.60
C ASP D 82 9.71 7.98 17.63
N VAL D 83 9.48 8.75 18.69
CA VAL D 83 10.47 8.88 19.75
C VAL D 83 9.88 8.34 21.05
N SER D 84 9.07 7.29 20.95
CA SER D 84 8.35 6.77 22.12
C SER D 84 9.16 5.82 22.98
N HIS D 85 10.40 5.48 22.60
CA HIS D 85 11.22 4.61 23.43
C HIS D 85 12.58 5.22 23.71
N VAL D 86 13.12 4.84 24.86
CA VAL D 86 14.45 5.26 25.30
C VAL D 86 15.16 4.03 25.84
N ILE D 87 16.47 3.95 25.61
CA ILE D 87 17.27 2.86 26.15
C ILE D 87 18.43 3.45 26.94
N THR D 88 19.00 2.61 27.79
CA THR D 88 20.31 2.86 28.40
C THR D 88 21.35 2.11 27.58
N VAL D 89 22.39 2.82 27.18
CA VAL D 89 23.55 2.20 26.56
C VAL D 89 24.72 2.31 27.54
N GLU D 90 25.69 1.42 27.39
CA GLU D 90 26.87 1.43 28.24
C GLU D 90 28.11 1.19 27.40
N THR D 91 29.16 1.96 27.64
CA THR D 91 30.38 1.78 26.88
C THR D 91 31.03 0.44 27.24
N THR D 92 31.54 -0.26 26.23
CA THR D 92 32.18 -1.55 26.41
C THR D 92 33.69 -1.47 26.30
N ALA D 93 34.24 -0.31 25.97
CA ALA D 93 35.65 -0.07 25.76
C ALA D 93 35.84 1.43 25.73
N PRO D 94 37.07 1.96 25.81
CA PRO D 94 37.24 3.42 25.74
C PRO D 94 36.57 3.99 24.50
N GLN D 95 35.82 5.07 24.70
CA GLN D 95 34.88 5.55 23.69
C GLN D 95 35.10 7.03 23.47
N LYS D 96 35.35 7.41 22.22
CA LYS D 96 35.46 8.81 21.85
C LYS D 96 34.08 9.42 21.68
N ILE D 97 33.90 10.61 22.25
CA ILE D 97 32.65 11.35 22.14
C ILE D 97 32.94 12.82 21.87
N HIS D 98 31.93 13.50 21.35
CA HIS D 98 31.80 14.94 21.49
C HIS D 98 30.80 15.21 22.60
N SER D 99 31.09 16.20 23.44
CA SER D 99 30.16 16.60 24.49
C SER D 99 29.92 18.09 24.40
N GLY D 100 28.66 18.49 24.53
CA GLY D 100 28.31 19.88 24.49
C GLY D 100 26.82 20.06 24.69
N ILE D 101 26.35 21.29 24.44
CA ILE D 101 24.95 21.67 24.60
C ILE D 101 24.27 21.62 23.23
N THR D 102 23.03 21.15 23.19
CA THR D 102 22.25 21.17 21.96
C THR D 102 21.90 22.59 21.57
N GLY D 103 22.06 22.90 20.29
CA GLY D 103 21.62 24.17 19.76
C GLY D 103 20.22 24.09 19.19
N PRO D 104 19.62 25.24 18.90
CA PRO D 104 18.26 25.24 18.35
C PRO D 104 18.23 24.84 16.89
N LEU D 105 17.18 24.11 16.51
CA LEU D 105 16.92 23.73 15.13
C LEU D 105 15.42 23.68 14.93
N GLU D 106 14.97 24.12 13.75
CA GLU D 106 13.54 24.30 13.45
C GLU D 106 12.96 25.14 14.60
N ASN D 107 11.88 24.71 15.25
CA ASN D 107 11.28 25.46 16.35
C ASN D 107 11.50 24.77 17.69
N TYR D 108 12.63 24.09 17.85
CA TYR D 108 13.04 23.49 19.11
C TYR D 108 14.17 24.29 19.72
N LYS D 109 14.12 24.48 21.04
CA LYS D 109 15.02 25.42 21.69
C LYS D 109 16.40 24.82 21.95
N GLY D 110 16.46 23.51 22.20
CA GLY D 110 17.71 22.91 22.62
C GLY D 110 18.02 23.29 24.06
N GLY D 111 19.30 23.20 24.40
CA GLY D 111 19.81 23.72 25.64
C GLY D 111 20.19 22.74 26.75
N VAL D 112 20.37 21.46 26.44
CA VAL D 112 20.78 20.48 27.45
C VAL D 112 21.99 19.71 26.92
N GLN D 113 22.59 18.94 27.83
CA GLN D 113 23.77 18.15 27.49
C GLN D 113 23.40 16.99 26.56
N GLN D 114 24.23 16.79 25.54
CA GLN D 114 24.17 15.61 24.71
C GLN D 114 25.58 15.11 24.47
N VAL D 115 25.70 13.85 24.07
CA VAL D 115 26.96 13.30 23.62
C VAL D 115 26.76 12.74 22.23
N GLU D 116 27.84 12.78 21.45
CA GLU D 116 27.87 12.16 20.13
C GLU D 116 29.00 11.15 20.10
N PHE D 117 28.70 9.91 19.77
CA PHE D 117 29.74 8.89 19.70
C PHE D 117 30.57 9.07 18.44
N VAL D 118 31.89 9.12 18.60
CA VAL D 118 32.81 9.33 17.50
C VAL D 118 33.54 8.02 17.22
N GLY D 119 33.70 7.70 15.94
CA GLY D 119 34.37 6.46 15.58
C GLY D 119 33.55 5.25 15.97
N ASP D 120 34.24 4.16 16.28
CA ASP D 120 33.58 2.92 16.67
C ASP D 120 32.66 3.15 17.86
N ARG D 121 31.41 2.72 17.72
CA ARG D 121 30.44 2.81 18.81
C ARG D 121 30.59 1.57 19.67
N ASN D 122 31.34 1.69 20.76
CA ASN D 122 31.57 0.58 21.69
C ASN D 122 30.48 0.64 22.76
N LEU D 123 29.31 0.15 22.40
CA LEU D 123 28.12 0.24 23.25
C LEU D 123 27.47 -1.12 23.39
N LYS D 124 26.75 -1.29 24.49
CA LYS D 124 25.76 -2.36 24.62
C LYS D 124 24.51 -1.79 25.27
N ILE D 125 23.38 -2.44 25.05
CA ILE D 125 22.18 -2.04 25.77
C ILE D 125 22.23 -2.62 27.18
N VAL D 126 21.69 -1.88 28.14
CA VAL D 126 21.47 -2.36 29.49
C VAL D 126 19.97 -2.48 29.69
N GLY D 127 19.48 -3.70 29.87
CA GLY D 127 18.07 -3.92 30.08
C GLY D 127 17.29 -3.83 28.77
N THR D 128 16.04 -3.41 28.88
CA THR D 128 15.13 -3.32 27.75
C THR D 128 14.71 -1.88 27.51
N PRO D 129 14.24 -1.54 26.31
CA PRO D 129 13.76 -0.19 26.07
C PRO D 129 12.67 0.21 27.04
N GLY D 130 12.69 1.47 27.46
CA GLY D 130 11.63 2.04 28.26
C GLY D 130 10.69 2.86 27.39
N VAL D 131 9.49 3.09 27.90
CA VAL D 131 8.54 3.97 27.24
C VAL D 131 8.77 5.39 27.72
N LEU D 132 8.82 6.33 26.77
CA LEU D 132 8.80 7.75 27.09
C LEU D 132 7.36 8.25 27.10
N PRO D 133 6.88 8.85 28.19
CA PRO D 133 5.58 9.50 28.13
C PRO D 133 5.61 10.64 27.14
N VAL D 134 4.46 10.88 26.50
CA VAL D 134 4.38 11.95 25.51
C VAL D 134 4.72 13.28 26.14
N GLU D 135 4.29 13.49 27.39
CA GLU D 135 4.50 14.75 28.10
C GLU D 135 4.75 14.46 29.57
#